data_9MXX
#
_entry.id   9MXX
#
_cell.length_a   112.570
_cell.length_b   112.570
_cell.length_c   84.700
_cell.angle_alpha   90.000
_cell.angle_beta   90.000
_cell.angle_gamma   120.000
#
_symmetry.space_group_name_H-M   'P 6 2 2'
#
loop_
_entity.id
_entity.type
_entity.pdbx_description
1 polymer 'De novo protein with intramolecular isopeptide bond dnIPB-2'
2 non-polymer 'SULFATE ION'
3 water water
#
_entity_poly.entity_id   1
_entity_poly.type   'polypeptide(L)'
_entity_poly.pdbx_seq_one_letter_code
;SAGMSPVEAAKAEAIAAGKGKLLREEWSEEKTTGEDGLLEIDLETGKKATFQKVDAETGKPLAGAVFRLYRFLFEENGEF
VAERYVLVEVRSPEGYEPVVNTPIARITVTKDPETGKVTYEVEAVKNGASASLDEQPPSLDKTRKIYNKKAVKLP
;
_entity_poly.pdbx_strand_id   A
#
# COMPACT_ATOMS: atom_id res chain seq x y z
N PRO A 6 6.46 -6.35 10.10
CA PRO A 6 5.83 -6.34 8.79
C PRO A 6 4.35 -6.73 8.79
N VAL A 7 4.05 -8.01 9.06
CA VAL A 7 2.69 -8.49 8.91
C VAL A 7 1.77 -7.84 9.94
N GLU A 8 2.28 -7.63 11.15
CA GLU A 8 1.50 -7.03 12.22
C GLU A 8 1.49 -5.51 12.14
N ALA A 9 2.62 -4.90 11.77
CA ALA A 9 2.61 -3.47 11.48
C ALA A 9 1.61 -3.16 10.37
N ALA A 10 1.52 -4.05 9.37
CA ALA A 10 0.46 -3.94 8.38
C ALA A 10 -0.91 -4.13 9.02
N LYS A 11 -1.02 -5.07 9.96
CA LYS A 11 -2.29 -5.30 10.63
C LYS A 11 -2.70 -4.12 11.50
N ALA A 12 -1.73 -3.48 12.15
CA ALA A 12 -2.03 -2.33 13.00
C ALA A 12 -2.54 -1.15 12.18
N GLU A 13 -1.96 -0.93 11.00
CA GLU A 13 -2.45 0.13 10.14
C GLU A 13 -3.80 -0.21 9.53
N ALA A 14 -4.09 -1.50 9.36
CA ALA A 14 -5.34 -1.92 8.74
C ALA A 14 -6.51 -1.95 9.72
N ILE A 15 -6.22 -2.14 11.01
CA ILE A 15 -7.30 -2.17 12.00
C ILE A 15 -7.97 -0.81 12.08
N ALA A 16 -9.29 -0.80 11.90
CA ALA A 16 -10.05 0.43 11.93
C ALA A 16 -10.46 0.78 13.36
N ALA A 17 -11.27 1.82 13.50
CA ALA A 17 -11.74 2.28 14.80
C ALA A 17 -13.03 1.55 15.17
N GLY A 18 -13.07 0.99 16.36
CA GLY A 18 -14.24 0.26 16.84
C GLY A 18 -13.92 -1.20 17.13
N LYS A 19 -14.92 -1.86 17.71
CA LYS A 19 -14.83 -3.29 17.97
C LYS A 19 -14.50 -4.04 16.69
N GLY A 20 -13.65 -5.05 16.80
CA GLY A 20 -13.21 -5.76 15.61
C GLY A 20 -12.69 -7.14 15.92
N LYS A 21 -12.58 -7.94 14.87
CA LYS A 21 -12.08 -9.31 14.96
CA LYS A 21 -12.08 -9.30 14.96
C LYS A 21 -11.30 -9.63 13.69
N LEU A 22 -10.25 -10.43 13.85
CA LEU A 22 -9.44 -10.84 12.71
C LEU A 22 -9.99 -12.12 12.12
N LEU A 23 -10.26 -12.09 10.81
CA LEU A 23 -10.81 -13.25 10.10
C LEU A 23 -9.81 -13.92 9.17
N ARG A 24 -9.05 -13.16 8.39
CA ARG A 24 -8.13 -13.74 7.42
C ARG A 24 -6.93 -12.82 7.23
N GLU A 25 -5.75 -13.42 7.06
CA GLU A 25 -4.54 -12.72 6.67
C GLU A 25 -4.06 -13.31 5.34
N GLU A 26 -4.02 -12.48 4.30
CA GLU A 26 -3.54 -12.90 2.99
C GLU A 26 -2.50 -11.92 2.47
N TRP A 27 -1.69 -12.39 1.53
CA TRP A 27 -0.67 -11.56 0.91
C TRP A 27 -0.46 -12.02 -0.53
N SER A 28 -0.04 -11.09 -1.36
CA SER A 28 0.24 -11.36 -2.76
C SER A 28 1.68 -11.84 -2.93
N GLU A 29 2.14 -11.90 -4.17
CA GLU A 29 3.53 -12.20 -4.44
CA GLU A 29 3.53 -12.21 -4.45
C GLU A 29 4.37 -10.93 -4.35
N GLU A 30 5.66 -11.11 -4.05
CA GLU A 30 6.57 -9.98 -4.06
C GLU A 30 6.76 -9.51 -5.50
N LYS A 31 6.47 -8.24 -5.75
CA LYS A 31 6.59 -7.67 -7.08
C LYS A 31 7.78 -6.72 -7.12
N THR A 32 8.48 -6.70 -8.25
CA THR A 32 9.68 -5.88 -8.43
C THR A 32 9.40 -4.81 -9.47
N THR A 33 9.57 -3.56 -9.09
CA THR A 33 9.29 -2.45 -10.00
C THR A 33 10.28 -2.44 -11.17
N GLY A 34 9.75 -2.20 -12.36
CA GLY A 34 10.57 -2.07 -13.54
C GLY A 34 11.04 -0.64 -13.75
N GLU A 35 11.57 -0.39 -14.96
CA GLU A 35 12.11 0.93 -15.27
C GLU A 35 11.03 2.00 -15.24
N ASP A 36 9.77 1.64 -15.45
CA ASP A 36 8.68 2.61 -15.34
C ASP A 36 8.31 2.91 -13.89
N GLY A 37 8.89 2.19 -12.93
CA GLY A 37 8.60 2.38 -11.52
C GLY A 37 7.21 1.96 -11.11
N LEU A 38 6.48 1.29 -11.99
CA LEU A 38 5.06 1.04 -11.80
C LEU A 38 4.81 -0.20 -10.96
N LEU A 39 3.76 -0.15 -10.14
CA LEU A 39 3.31 -1.27 -9.33
CA LEU A 39 3.31 -1.28 -9.34
C LEU A 39 1.80 -1.37 -9.47
N GLU A 40 1.32 -2.40 -10.17
CA GLU A 40 -0.09 -2.62 -10.39
C GLU A 40 -0.57 -3.73 -9.45
N ILE A 41 -1.44 -3.39 -8.51
CA ILE A 41 -2.02 -4.35 -7.59
C ILE A 41 -3.48 -4.54 -7.93
N ASP A 42 -3.87 -5.80 -8.10
CA ASP A 42 -5.26 -6.15 -8.42
CA ASP A 42 -5.26 -6.15 -8.42
C ASP A 42 -5.94 -6.60 -7.14
N LEU A 43 -6.91 -5.81 -6.68
CA LEU A 43 -7.67 -6.18 -5.49
C LEU A 43 -8.58 -7.36 -5.81
N GLU A 44 -9.19 -7.92 -4.75
CA GLU A 44 -10.09 -9.05 -4.96
C GLU A 44 -11.29 -8.66 -5.79
N THR A 45 -11.70 -7.39 -5.74
CA THR A 45 -12.83 -6.92 -6.53
C THR A 45 -12.51 -6.74 -8.00
N GLY A 46 -11.25 -6.83 -8.39
CA GLY A 46 -10.84 -6.69 -9.78
C GLY A 46 -10.29 -5.33 -10.14
N LYS A 47 -10.43 -4.33 -9.28
CA LYS A 47 -9.92 -3.00 -9.57
CA LYS A 47 -9.93 -3.00 -9.55
C LYS A 47 -8.41 -2.97 -9.44
N LYS A 48 -7.78 -2.10 -10.25
CA LYS A 48 -6.34 -1.93 -10.26
C LYS A 48 -5.96 -0.64 -9.57
N ALA A 49 -5.19 -0.74 -8.50
CA ALA A 49 -4.60 0.40 -7.82
C ALA A 49 -3.17 0.56 -8.30
N THR A 50 -2.83 1.75 -8.80
CA THR A 50 -1.54 2.00 -9.42
C THR A 50 -0.66 2.84 -8.51
N PHE A 51 0.57 2.40 -8.31
CA PHE A 51 1.58 3.13 -7.56
C PHE A 51 2.83 3.28 -8.41
N GLN A 52 3.64 4.30 -8.11
CA GLN A 52 4.85 4.56 -8.86
C GLN A 52 5.97 4.93 -7.90
N LYS A 53 7.06 4.17 -7.93
CA LYS A 53 8.23 4.43 -7.11
C LYS A 53 9.14 5.41 -7.83
N VAL A 54 9.33 6.60 -7.26
CA VAL A 54 10.10 7.65 -7.88
C VAL A 54 11.12 8.21 -6.89
N ASP A 55 12.15 8.85 -7.44
CA ASP A 55 13.16 9.52 -6.62
C ASP A 55 12.55 10.76 -5.97
N ALA A 56 12.82 10.94 -4.68
CA ALA A 56 12.21 12.03 -3.94
C ALA A 56 12.70 13.41 -4.41
N GLU A 57 13.83 13.46 -5.12
CA GLU A 57 14.37 14.72 -5.63
CA GLU A 57 14.37 14.72 -5.62
C GLU A 57 14.21 14.85 -7.13
N THR A 58 14.79 13.93 -7.91
CA THR A 58 14.70 14.03 -9.36
C THR A 58 13.34 13.59 -9.90
N GLY A 59 12.60 12.76 -9.16
CA GLY A 59 11.35 12.22 -9.66
C GLY A 59 11.50 11.09 -10.65
N LYS A 60 12.71 10.65 -10.93
CA LYS A 60 12.93 9.58 -11.89
C LYS A 60 12.28 8.28 -11.39
N PRO A 61 11.58 7.55 -12.24
CA PRO A 61 11.04 6.25 -11.82
C PRO A 61 12.16 5.27 -11.49
N LEU A 62 11.91 4.44 -10.49
CA LEU A 62 12.94 3.60 -9.91
C LEU A 62 12.59 2.13 -10.11
N ALA A 63 13.57 1.36 -10.58
CA ALA A 63 13.47 -0.09 -10.68
C ALA A 63 14.23 -0.75 -9.55
N GLY A 64 13.88 -2.01 -9.27
CA GLY A 64 14.53 -2.77 -8.23
C GLY A 64 13.86 -2.70 -6.87
N ALA A 65 12.81 -1.92 -6.73
CA ALA A 65 12.06 -1.88 -5.46
C ALA A 65 11.11 -3.07 -5.38
N VAL A 66 11.11 -3.74 -4.24
CA VAL A 66 10.28 -4.91 -4.02
C VAL A 66 9.13 -4.53 -3.11
N PHE A 67 7.90 -4.87 -3.54
CA PHE A 67 6.70 -4.61 -2.77
C PHE A 67 5.94 -5.91 -2.53
N ARG A 68 5.08 -5.88 -1.52
CA ARG A 68 4.16 -6.97 -1.24
C ARG A 68 2.88 -6.38 -0.69
N LEU A 69 1.74 -6.89 -1.16
CA LEU A 69 0.43 -6.40 -0.75
C LEU A 69 -0.20 -7.41 0.20
N TYR A 70 -0.51 -6.96 1.41
CA TYR A 70 -1.18 -7.78 2.41
C TYR A 70 -2.66 -7.44 2.46
N ARG A 71 -3.50 -8.47 2.57
CA ARG A 71 -4.94 -8.31 2.61
C ARG A 71 -5.47 -8.86 3.93
N PHE A 72 -6.25 -8.04 4.63
CA PHE A 72 -6.81 -8.40 5.94
C PHE A 72 -8.32 -8.31 5.88
N LEU A 73 -9.00 -9.33 6.41
CA LEU A 73 -10.46 -9.33 6.54
C LEU A 73 -10.81 -9.19 8.01
N PHE A 74 -11.58 -8.16 8.33
CA PHE A 74 -11.99 -7.88 9.70
C PHE A 74 -13.51 -7.92 9.82
N GLU A 75 -13.99 -8.43 10.95
CA GLU A 75 -15.38 -8.24 11.35
C GLU A 75 -15.45 -6.96 12.18
N GLU A 76 -16.20 -5.99 11.71
CA GLU A 76 -16.31 -4.68 12.36
CA GLU A 76 -16.31 -4.67 12.35
C GLU A 76 -17.64 -4.55 13.07
N ASN A 77 -17.59 -4.14 14.34
CA ASN A 77 -18.77 -3.87 15.17
C ASN A 77 -19.71 -5.07 15.26
N GLY A 78 -19.24 -6.27 14.95
CA GLY A 78 -20.11 -7.43 14.95
C GLY A 78 -21.23 -7.35 13.96
N GLU A 79 -21.06 -6.59 12.88
CA GLU A 79 -22.09 -6.41 11.87
C GLU A 79 -21.57 -6.44 10.43
N PHE A 80 -20.33 -6.01 10.17
CA PHE A 80 -19.81 -5.90 8.82
C PHE A 80 -18.53 -6.71 8.68
N VAL A 81 -18.16 -6.95 7.42
CA VAL A 81 -16.88 -7.56 7.07
C VAL A 81 -16.07 -6.51 6.32
N ALA A 82 -15.00 -6.03 6.93
CA ALA A 82 -14.14 -5.02 6.32
C ALA A 82 -12.95 -5.68 5.63
N GLU A 83 -12.62 -5.19 4.44
CA GLU A 83 -11.48 -5.67 3.68
C GLU A 83 -10.47 -4.54 3.58
N ARG A 84 -9.35 -4.69 4.27
CA ARG A 84 -8.33 -3.65 4.37
C ARG A 84 -7.02 -4.16 3.78
N TYR A 85 -6.52 -3.46 2.77
CA TYR A 85 -5.25 -3.78 2.14
C TYR A 85 -4.14 -2.88 2.71
N VAL A 86 -2.93 -3.42 2.75
CA VAL A 86 -1.76 -2.66 3.20
C VAL A 86 -0.61 -2.95 2.24
N LEU A 87 -0.09 -1.91 1.60
CA LEU A 87 1.08 -2.03 0.73
C LEU A 87 2.35 -1.88 1.55
N VAL A 88 3.27 -2.83 1.39
CA VAL A 88 4.51 -2.87 2.15
C VAL A 88 5.67 -2.88 1.15
N GLU A 89 6.67 -2.05 1.41
CA GLU A 89 7.89 -2.03 0.60
C GLU A 89 8.89 -2.99 1.25
N VAL A 90 9.19 -4.08 0.55
CA VAL A 90 10.07 -5.11 1.12
C VAL A 90 11.53 -4.68 1.03
N ARG A 91 11.95 -4.13 -0.10
CA ARG A 91 13.33 -3.71 -0.31
CA ARG A 91 13.32 -3.71 -0.29
C ARG A 91 13.36 -2.44 -1.15
N SER A 92 14.11 -1.45 -0.69
N SER A 92 14.12 -1.46 -0.69
CA SER A 92 14.30 -0.24 -1.46
CA SER A 92 14.31 -0.23 -1.45
C SER A 92 15.20 -0.52 -2.66
C SER A 92 15.24 -0.50 -2.63
N PRO A 93 15.12 0.28 -3.71
CA PRO A 93 16.02 0.09 -4.85
C PRO A 93 17.47 0.32 -4.49
N GLU A 94 18.36 -0.39 -5.17
CA GLU A 94 19.78 -0.32 -4.87
C GLU A 94 20.30 1.10 -5.02
N GLY A 95 21.17 1.50 -4.11
CA GLY A 95 21.66 2.86 -4.06
C GLY A 95 20.76 3.83 -3.32
N TYR A 96 19.62 3.37 -2.81
CA TYR A 96 18.69 4.21 -2.09
C TYR A 96 18.65 3.78 -0.62
N GLU A 97 18.24 4.71 0.23
CA GLU A 97 18.20 4.46 1.66
C GLU A 97 17.33 3.25 1.96
N PRO A 98 17.73 2.39 2.90
CA PRO A 98 17.05 1.10 3.08
C PRO A 98 15.63 1.28 3.61
N VAL A 99 14.69 0.57 2.97
CA VAL A 99 13.30 0.51 3.41
C VAL A 99 12.93 -0.97 3.42
N VAL A 100 13.06 -1.60 4.58
CA VAL A 100 12.85 -3.04 4.72
CA VAL A 100 12.85 -3.05 4.73
C VAL A 100 11.53 -3.27 5.46
N ASN A 101 10.59 -3.96 4.79
CA ASN A 101 9.32 -4.38 5.37
C ASN A 101 8.59 -3.23 6.06
N THR A 102 8.45 -2.12 5.35
CA THR A 102 7.80 -0.94 5.90
C THR A 102 6.47 -0.70 5.19
N PRO A 103 5.36 -0.64 5.93
CA PRO A 103 4.08 -0.29 5.28
C PRO A 103 4.12 1.13 4.72
N ILE A 104 3.42 1.33 3.61
CA ILE A 104 3.39 2.60 2.91
C ILE A 104 1.96 3.12 2.76
N ALA A 105 1.07 2.31 2.19
CA ALA A 105 -0.28 2.74 1.90
C ALA A 105 -1.29 1.78 2.52
N ARG A 106 -2.49 2.30 2.76
CA ARG A 106 -3.61 1.53 3.28
C ARG A 106 -4.81 1.75 2.36
N ILE A 107 -5.44 0.67 1.94
CA ILE A 107 -6.59 0.72 1.04
C ILE A 107 -7.77 0.09 1.75
N THR A 108 -8.88 0.83 1.81
CA THR A 108 -10.11 0.36 2.44
C THR A 108 -11.19 0.23 1.39
N VAL A 109 -11.80 -0.96 1.32
CA VAL A 109 -12.87 -1.24 0.38
C VAL A 109 -14.17 -1.18 1.17
N THR A 110 -14.92 -0.08 1.00
CA THR A 110 -16.18 0.14 1.70
C THR A 110 -17.30 0.09 0.68
N LYS A 111 -18.11 -0.96 0.73
CA LYS A 111 -19.25 -1.12 -0.15
C LYS A 111 -20.47 -0.45 0.47
N ASP A 112 -21.14 0.40 -0.32
CA ASP A 112 -22.27 1.16 0.19
C ASP A 112 -23.41 0.20 0.55
N PRO A 113 -23.95 0.28 1.78
CA PRO A 113 -24.95 -0.71 2.20
C PRO A 113 -26.29 -0.58 1.48
N GLU A 114 -26.67 0.63 1.06
CA GLU A 114 -27.96 0.83 0.38
C GLU A 114 -27.82 0.59 -1.13
N THR A 115 -27.37 -0.62 -1.45
CA THR A 115 -27.22 -1.09 -2.84
C THR A 115 -26.37 -0.12 -3.66
N GLY A 116 -25.15 0.10 -3.19
CA GLY A 116 -24.23 0.97 -3.88
C GLY A 116 -23.02 0.23 -4.43
N LYS A 117 -22.30 0.86 -5.35
CA LYS A 117 -21.14 0.23 -5.95
C LYS A 117 -19.95 0.28 -4.99
N VAL A 118 -18.82 -0.24 -5.46
CA VAL A 118 -17.62 -0.34 -4.63
C VAL A 118 -16.94 1.02 -4.55
N THR A 119 -16.44 1.34 -3.35
CA THR A 119 -15.73 2.59 -3.11
C THR A 119 -14.39 2.27 -2.45
N TYR A 120 -13.32 2.84 -2.99
CA TYR A 120 -11.97 2.58 -2.53
C TYR A 120 -11.33 3.86 -2.00
N GLU A 121 -10.60 3.75 -0.91
CA GLU A 121 -10.01 4.90 -0.23
C GLU A 121 -8.58 4.55 0.15
N VAL A 122 -7.64 5.37 -0.29
CA VAL A 122 -6.21 5.10 -0.14
C VAL A 122 -5.64 6.12 0.85
N GLU A 123 -5.18 5.64 2.00
CA GLU A 123 -4.51 6.46 2.99
C GLU A 123 -3.02 6.12 3.01
N ALA A 124 -2.25 6.97 3.67
CA ALA A 124 -0.82 6.80 3.81
C ALA A 124 -0.46 6.48 5.25
N VAL A 125 0.60 5.70 5.43
CA VAL A 125 1.09 5.34 6.76
C VAL A 125 2.01 6.45 7.25
N LYS A 126 1.64 7.07 8.37
CA LYS A 126 2.43 8.17 8.95
C LYS A 126 3.52 7.58 9.84
N ASN A 127 4.55 7.04 9.18
CA ASN A 127 5.74 6.53 9.85
C ASN A 127 6.96 7.08 9.14
N GLY A 128 7.81 7.79 9.88
CA GLY A 128 9.02 8.36 9.34
C GLY A 128 9.96 7.31 8.76
N ALA A 129 10.07 7.29 7.44
CA ALA A 129 10.93 6.32 6.77
C ALA A 129 11.48 6.96 5.51
N SER A 130 12.46 6.28 4.91
CA SER A 130 13.10 6.76 3.68
C SER A 130 12.15 6.75 2.50
N ALA A 131 11.00 6.09 2.60
CA ALA A 131 10.00 6.06 1.55
C ALA A 131 8.66 6.53 2.10
N SER A 132 7.88 7.21 1.26
CA SER A 132 6.60 7.74 1.71
C SER A 132 5.68 7.94 0.52
N LEU A 133 4.39 7.74 0.76
CA LEU A 133 3.36 7.95 -0.25
C LEU A 133 3.10 9.44 -0.43
N ASP A 134 2.69 9.82 -1.64
CA ASP A 134 2.41 11.21 -1.93
C ASP A 134 1.11 11.65 -1.25
N GLU A 135 0.78 12.93 -1.40
CA GLU A 135 -0.41 13.51 -0.81
C GLU A 135 -1.40 13.84 -1.91
N GLN A 136 -2.60 13.26 -1.82
CA GLN A 136 -3.62 13.38 -2.85
C GLN A 136 -4.96 12.96 -2.25
N PRO A 137 -6.08 13.46 -2.76
CA PRO A 137 -7.39 12.99 -2.31
C PRO A 137 -7.47 11.47 -2.39
N PRO A 138 -8.00 10.81 -1.36
CA PRO A 138 -7.96 9.35 -1.31
C PRO A 138 -8.95 8.69 -2.26
N SER A 139 -8.57 8.55 -3.52
CA SER A 139 -9.39 7.87 -4.51
C SER A 139 -8.48 7.21 -5.53
N LEU A 140 -9.00 6.18 -6.20
CA LEU A 140 -8.26 5.42 -7.21
CA LEU A 140 -8.25 5.43 -7.20
C LEU A 140 -8.37 6.04 -8.59
N ASP A 141 -8.38 7.37 -8.68
CA ASP A 141 -8.50 8.02 -9.99
C ASP A 141 -7.15 8.10 -10.69
N LYS A 142 -6.12 8.52 -9.97
CA LYS A 142 -4.79 8.74 -10.54
C LYS A 142 -3.78 7.82 -9.89
N THR A 143 -2.58 7.80 -10.47
CA THR A 143 -1.49 7.00 -9.94
C THR A 143 -0.86 7.71 -8.74
N ARG A 144 -0.69 6.97 -7.64
CA ARG A 144 -0.14 7.51 -6.41
C ARG A 144 1.37 7.27 -6.39
N LYS A 145 2.14 8.35 -6.36
CA LYS A 145 3.59 8.26 -6.35
C LYS A 145 4.11 7.86 -4.97
N ILE A 146 5.26 7.19 -4.97
CA ILE A 146 5.96 6.83 -3.74
C ILE A 146 7.40 7.31 -3.88
N TYR A 147 7.84 8.17 -2.97
CA TYR A 147 9.13 8.84 -3.05
C TYR A 147 10.18 8.09 -2.25
N ASN A 148 11.37 7.94 -2.81
CA ASN A 148 12.47 7.23 -2.18
C ASN A 148 13.70 8.14 -2.11
N LYS A 149 14.33 8.17 -0.94
CA LYS A 149 15.50 9.02 -0.71
C LYS A 149 16.76 8.25 -1.10
N LYS A 150 17.54 8.82 -2.01
CA LYS A 150 18.78 8.20 -2.46
C LYS A 150 19.87 8.42 -1.42
N ALA A 151 20.75 7.42 -1.30
CA ALA A 151 21.86 7.49 -0.35
C ALA A 151 23.02 8.20 -1.01
N VAL A 152 23.34 9.39 -0.51
CA VAL A 152 24.44 10.19 -1.07
C VAL A 152 25.77 9.60 -0.60
N LYS A 153 26.71 9.45 -1.54
CA LYS A 153 28.03 8.92 -1.24
C LYS A 153 29.01 10.07 -1.02
N LEU A 154 29.94 9.88 -0.08
CA LEU A 154 30.96 10.87 0.26
C LEU A 154 30.34 12.22 0.60
#